data_7QIU
#
_entry.id   7QIU
#
_cell.length_a   64.880
_cell.length_b   66.450
_cell.length_c   129.600
_cell.angle_alpha   90.000
_cell.angle_beta   90.000
_cell.angle_gamma   90.000
#
_symmetry.space_group_name_H-M   'P 21 21 21'
#
loop_
_entity.id
_entity.type
_entity.pdbx_description
1 polymer 'rRNA methylase'
2 water water
#
_entity_poly.entity_id   1
_entity_poly.type   'polypeptide(L)'
_entity_poly.pdbx_seq_one_letter_code
;MGSSHHHHHHSSGLVPRGSHMKQIESAKNQKVKDWKKLHTKKERTKTNTFLIEGEHLVEEALKSPGIVKEILVKDETRIP
SDLETGIQCYMLSEDAFSAVTETETPQQIAAVCHMPEEKLATARKVLLIDAVQDPGNLGTMIRTADAAGLDAVVLGDGTA
DAFNGKTLRSAQGSHFHIPVVRRNLPSYVDELKAEGVKVYGTALQNGAPYQEIPQSESFALIVGNEGAGVDAALLEKTDL
NLYVPLYGQAESLNVAVAAAILVYHLRG
;
_entity_poly.pdbx_strand_id   A,B
#
# COMPACT_ATOMS: atom_id res chain seq x y z
N GLY A 18 21.13 -9.44 -40.99
CA GLY A 18 21.80 -8.53 -40.08
C GLY A 18 22.60 -9.23 -39.00
N SER A 19 23.50 -8.51 -38.35
CA SER A 19 24.30 -9.12 -37.28
C SER A 19 23.44 -9.32 -36.04
N HIS A 20 23.71 -10.35 -35.27
CA HIS A 20 22.94 -10.61 -34.07
C HIS A 20 23.35 -9.72 -32.92
N MET A 21 22.53 -9.63 -31.88
CA MET A 21 22.87 -8.86 -30.69
C MET A 21 23.97 -9.57 -29.91
N LYS A 22 24.69 -8.82 -29.09
CA LYS A 22 25.77 -9.39 -28.31
C LYS A 22 25.26 -10.44 -27.41
N GLN A 23 26.00 -11.51 -27.25
CA GLN A 23 25.57 -12.57 -26.36
C GLN A 23 26.60 -12.87 -25.29
N ILE A 24 26.11 -13.28 -24.13
CA ILE A 24 26.98 -13.65 -23.02
C ILE A 24 26.54 -15.01 -22.54
N GLU A 25 27.27 -16.03 -22.94
CA GLU A 25 27.02 -17.41 -22.55
C GLU A 25 27.34 -17.82 -21.11
N SER A 26 28.42 -17.28 -20.58
CA SER A 26 28.94 -17.68 -19.27
C SER A 26 28.81 -16.75 -18.08
N ALA A 27 28.48 -17.33 -16.94
CA ALA A 27 28.35 -16.63 -15.68
C ALA A 27 29.70 -16.07 -15.19
N LYS A 28 30.80 -16.58 -15.73
CA LYS A 28 32.13 -16.09 -15.38
C LYS A 28 32.54 -14.86 -16.17
N ASN A 29 31.76 -14.46 -17.17
CA ASN A 29 32.06 -13.28 -17.96
C ASN A 29 32.23 -12.07 -17.06
N GLN A 30 33.25 -11.28 -17.30
CA GLN A 30 33.51 -10.13 -16.47
C GLN A 30 32.27 -9.13 -16.45
N LYS A 31 31.56 -8.99 -17.57
CA LYS A 31 30.35 -8.13 -17.58
C LYS A 31 29.34 -8.72 -16.55
N VAL A 32 29.14 -10.03 -16.56
CA VAL A 32 28.22 -10.69 -15.65
C VAL A 32 28.60 -10.49 -14.19
N LYS A 33 29.85 -10.74 -13.87
CA LYS A 33 30.38 -10.54 -12.54
C LYS A 33 30.21 -9.08 -12.14
N ASP A 34 30.50 -8.18 -13.09
CA ASP A 34 30.32 -6.79 -12.80
C ASP A 34 28.82 -6.48 -12.54
N TRP A 35 27.93 -7.09 -13.32
CA TRP A 35 26.50 -6.82 -13.13
C TRP A 35 26.02 -7.35 -11.77
N LYS A 36 26.46 -8.56 -11.44
CA LYS A 36 26.13 -9.21 -10.19
C LYS A 36 26.52 -8.32 -9.02
N LYS A 37 27.61 -7.63 -9.16
CA LYS A 37 28.10 -6.71 -8.16
C LYS A 37 27.09 -5.57 -7.81
N LEU A 38 26.16 -5.21 -8.71
CA LEU A 38 25.17 -4.20 -8.43
C LEU A 38 24.26 -4.54 -7.22
N HIS A 39 24.38 -5.77 -6.77
CA HIS A 39 23.68 -6.18 -5.57
C HIS A 39 24.42 -5.67 -4.31
N THR A 40 25.65 -5.13 -4.51
CA THR A 40 26.45 -4.58 -3.42
C THR A 40 26.29 -3.08 -3.38
N LYS A 41 26.40 -2.51 -2.19
CA LYS A 41 26.30 -1.09 -2.02
C LYS A 41 27.51 -0.40 -2.65
N LYS A 42 28.64 -1.07 -2.63
CA LYS A 42 29.89 -0.49 -3.12
C LYS A 42 29.84 -0.20 -4.62
N GLU A 43 29.32 -1.15 -5.40
CA GLU A 43 29.28 -0.97 -6.85
C GLU A 43 28.23 0.05 -7.25
N ARG A 44 27.15 0.13 -6.50
CA ARG A 44 26.13 1.13 -6.78
C ARG A 44 26.72 2.50 -6.48
N THR A 45 27.43 2.59 -5.36
CA THR A 45 28.03 3.86 -4.98
C THR A 45 29.11 4.28 -5.97
N LYS A 46 29.87 3.32 -6.46
CA LYS A 46 30.95 3.55 -7.42
C LYS A 46 30.42 4.05 -8.75
N THR A 47 29.33 3.46 -9.24
CA THR A 47 28.85 3.68 -10.59
C THR A 47 27.68 4.65 -10.68
N ASN A 48 26.99 4.91 -9.55
CA ASN A 48 25.67 5.56 -9.53
C ASN A 48 24.72 4.88 -10.52
N THR A 49 24.77 3.55 -10.54
CA THR A 49 23.85 2.73 -11.31
C THR A 49 23.25 1.66 -10.38
N PHE A 50 22.19 1.04 -10.87
CA PHE A 50 21.50 -0.01 -10.14
C PHE A 50 20.81 -0.95 -11.12
N LEU A 51 20.43 -2.11 -10.64
CA LEU A 51 19.82 -3.16 -11.45
C LEU A 51 18.31 -3.19 -11.22
N ILE A 52 17.56 -3.33 -12.30
CA ILE A 52 16.10 -3.46 -12.21
C ILE A 52 15.67 -4.67 -13.00
N GLU A 53 14.54 -5.25 -12.63
CA GLU A 53 14.00 -6.41 -13.30
C GLU A 53 12.52 -6.24 -13.53
N GLY A 54 11.99 -6.89 -14.57
CA GLY A 54 10.57 -6.80 -14.85
C GLY A 54 10.28 -5.95 -16.06
N GLU A 55 9.31 -6.36 -16.87
CA GLU A 55 8.99 -5.63 -18.08
C GLU A 55 8.50 -4.20 -17.83
N HIS A 56 7.63 -4.02 -16.86
CA HIS A 56 7.13 -2.67 -16.61
C HIS A 56 8.17 -1.73 -16.02
N LEU A 57 9.02 -2.24 -15.12
CA LEU A 57 10.07 -1.33 -14.58
C LEU A 57 10.98 -0.85 -15.72
N VAL A 58 11.36 -1.78 -16.59
CA VAL A 58 12.23 -1.43 -17.70
C VAL A 58 11.55 -0.42 -18.60
N GLU A 59 10.27 -0.63 -18.85
CA GLU A 59 9.49 0.27 -19.68
C GLU A 59 9.48 1.66 -19.10
N GLU A 60 9.27 1.75 -17.80
CA GLU A 60 9.27 3.03 -17.13
C GLU A 60 10.61 3.72 -17.20
N ALA A 61 11.66 2.94 -17.08
CA ALA A 61 13.00 3.44 -17.17
C ALA A 61 13.27 4.00 -18.55
N LEU A 62 12.81 3.30 -19.56
CA LEU A 62 12.98 3.73 -20.97
C LEU A 62 12.25 5.08 -21.27
N LYS A 63 11.14 5.33 -20.57
CA LYS A 63 10.45 6.59 -20.71
C LYS A 63 11.26 7.77 -20.23
N SER A 64 12.18 7.53 -19.30
CA SER A 64 12.97 8.60 -18.73
C SER A 64 14.31 8.70 -19.42
N PRO A 65 14.49 9.77 -20.18
CA PRO A 65 15.66 10.09 -20.99
C PRO A 65 16.97 9.95 -20.25
N GLY A 66 17.85 9.13 -20.80
CA GLY A 66 19.18 8.91 -20.28
C GLY A 66 19.31 7.96 -19.11
N ILE A 67 18.22 7.39 -18.64
CA ILE A 67 18.30 6.51 -17.49
C ILE A 67 18.84 5.13 -17.79
N VAL A 68 18.35 4.49 -18.82
CA VAL A 68 18.76 3.15 -19.11
C VAL A 68 20.11 3.10 -19.77
N LYS A 69 21.00 2.29 -19.24
CA LYS A 69 22.31 2.13 -19.82
C LYS A 69 22.47 0.83 -20.59
N GLU A 70 21.98 -0.27 -20.05
CA GLU A 70 22.05 -1.59 -20.66
C GLU A 70 20.78 -2.39 -20.45
N ILE A 71 20.48 -3.28 -21.36
CA ILE A 71 19.31 -4.13 -21.27
C ILE A 71 19.68 -5.58 -21.42
N LEU A 72 19.19 -6.43 -20.54
CA LEU A 72 19.48 -7.84 -20.57
C LEU A 72 18.24 -8.69 -20.76
N VAL A 73 18.29 -9.59 -21.72
CA VAL A 73 17.17 -10.46 -21.99
C VAL A 73 17.65 -11.86 -22.32
N LYS A 74 16.79 -12.84 -22.12
CA LYS A 74 17.11 -14.21 -22.49
C LYS A 74 16.50 -14.53 -23.84
N ASP A 75 15.57 -13.70 -24.28
CA ASP A 75 14.83 -13.92 -25.49
C ASP A 75 14.64 -12.61 -26.26
N GLU A 76 14.83 -12.65 -27.57
CA GLU A 76 14.71 -11.45 -28.38
C GLU A 76 13.29 -10.87 -28.48
N THR A 77 12.28 -11.67 -28.21
CA THR A 77 10.92 -11.19 -28.24
C THR A 77 10.66 -10.22 -27.11
N ARG A 78 11.50 -10.29 -26.09
CA ARG A 78 11.39 -9.42 -24.93
C ARG A 78 12.01 -8.06 -25.13
N ILE A 79 12.78 -7.90 -26.21
CA ILE A 79 13.42 -6.63 -26.47
C ILE A 79 12.39 -5.58 -26.80
N PRO A 80 12.37 -4.49 -26.04
CA PRO A 80 11.42 -3.41 -26.28
C PRO A 80 11.58 -2.83 -27.66
N SER A 81 10.45 -2.48 -28.22
CA SER A 81 10.45 -1.80 -29.48
C SER A 81 11.00 -0.33 -29.43
N ASP A 82 11.38 0.20 -30.59
CA ASP A 82 11.82 1.56 -30.68
C ASP A 82 12.93 2.05 -29.66
N LEU A 83 13.94 1.25 -29.37
CA LEU A 83 15.02 1.63 -28.44
C LEU A 83 15.98 2.67 -28.93
N GLU A 84 16.43 3.53 -28.03
CA GLU A 84 17.44 4.53 -28.31
C GLU A 84 18.74 3.81 -28.63
N THR A 85 19.52 4.36 -29.56
CA THR A 85 20.80 3.76 -30.05
C THR A 85 21.99 3.66 -29.16
N GLY A 86 22.02 4.48 -28.13
CA GLY A 86 23.10 4.50 -27.15
C GLY A 86 22.95 3.42 -26.08
N ILE A 87 21.87 2.64 -26.14
CA ILE A 87 21.59 1.57 -25.23
C ILE A 87 22.15 0.26 -25.77
N GLN A 88 22.94 -0.39 -24.95
CA GLN A 88 23.54 -1.64 -25.31
C GLN A 88 22.67 -2.76 -24.83
N CYS A 89 22.32 -3.68 -25.70
CA CYS A 89 21.50 -4.82 -25.36
C CYS A 89 22.28 -6.11 -25.42
N TYR A 90 21.99 -6.99 -24.49
CA TYR A 90 22.67 -8.25 -24.40
C TYR A 90 21.70 -9.37 -24.26
N MET A 91 22.05 -10.47 -24.92
CA MET A 91 21.24 -11.63 -24.80
C MET A 91 22.00 -12.63 -23.96
N LEU A 92 21.39 -13.07 -22.88
CA LEU A 92 22.04 -13.95 -21.95
C LEU A 92 21.46 -15.30 -21.85
N SER A 93 22.30 -16.24 -21.45
CA SER A 93 21.87 -17.60 -21.23
C SER A 93 21.19 -17.65 -19.87
N GLU A 94 20.41 -18.69 -19.63
CA GLU A 94 19.73 -18.82 -18.38
C GLU A 94 20.65 -18.81 -17.19
N ASP A 95 21.78 -19.46 -17.27
CA ASP A 95 22.69 -19.41 -16.17
C ASP A 95 23.18 -18.03 -15.97
N ALA A 96 23.57 -17.36 -17.04
CA ALA A 96 24.09 -16.00 -16.92
C ALA A 96 23.04 -15.03 -16.42
N PHE A 97 21.80 -15.19 -16.86
CA PHE A 97 20.74 -14.31 -16.45
C PHE A 97 20.44 -14.48 -14.97
N SER A 98 20.40 -15.71 -14.51
CA SER A 98 20.17 -16.00 -13.12
C SER A 98 21.27 -15.47 -12.25
N ALA A 99 22.49 -15.56 -12.71
CA ALA A 99 23.60 -15.07 -11.96
C ALA A 99 23.46 -13.62 -11.63
N VAL A 100 22.94 -12.84 -12.55
CA VAL A 100 22.78 -11.42 -12.38
C VAL A 100 21.59 -11.06 -11.50
N THR A 101 20.43 -11.57 -11.88
CA THR A 101 19.19 -11.25 -11.18
C THR A 101 19.02 -11.73 -9.74
N GLU A 102 19.50 -12.93 -9.45
CA GLU A 102 19.40 -13.54 -8.13
C GLU A 102 17.99 -13.48 -7.57
N THR A 103 16.99 -13.82 -8.38
CA THR A 103 15.63 -13.78 -7.89
C THR A 103 14.91 -15.10 -8.12
N GLU A 104 14.20 -15.57 -7.10
CA GLU A 104 13.45 -16.81 -7.17
C GLU A 104 12.36 -16.68 -8.22
N THR A 105 11.51 -15.68 -7.99
CA THR A 105 10.52 -15.30 -8.97
C THR A 105 11.15 -15.04 -10.37
N PRO A 106 10.94 -15.97 -11.39
CA PRO A 106 11.46 -15.92 -12.76
C PRO A 106 11.27 -14.56 -13.42
N GLN A 107 12.30 -14.11 -14.12
CA GLN A 107 12.25 -12.83 -14.79
C GLN A 107 12.73 -12.99 -16.22
N GLN A 108 12.21 -12.17 -17.12
CA GLN A 108 12.60 -12.26 -18.51
C GLN A 108 13.39 -11.08 -19.04
N ILE A 109 13.46 -9.98 -18.30
CA ILE A 109 14.19 -8.82 -18.73
C ILE A 109 14.73 -8.06 -17.54
N ALA A 110 15.94 -7.53 -17.69
CA ALA A 110 16.56 -6.72 -16.69
C ALA A 110 17.30 -5.59 -17.32
N ALA A 111 17.59 -4.58 -16.55
CA ALA A 111 18.34 -3.47 -17.04
C ALA A 111 19.23 -2.79 -16.01
N VAL A 112 20.24 -2.10 -16.48
CA VAL A 112 21.11 -1.35 -15.63
C VAL A 112 20.77 0.11 -15.85
N CYS A 113 20.46 0.84 -14.79
CA CYS A 113 20.07 2.23 -14.92
C CYS A 113 20.88 3.23 -14.16
N HIS A 114 21.04 4.42 -14.73
CA HIS A 114 21.71 5.51 -14.07
C HIS A 114 20.72 6.12 -13.09
N MET A 115 21.22 6.62 -11.96
CA MET A 115 20.35 7.27 -10.99
C MET A 115 20.08 8.67 -11.52
N PRO A 116 18.94 9.25 -11.18
CA PRO A 116 18.62 10.61 -11.65
C PRO A 116 19.52 11.71 -11.06
N GLU A 117 19.59 12.85 -11.71
CA GLU A 117 20.43 13.94 -11.24
C GLU A 117 19.95 14.36 -9.86
N GLU A 118 20.87 14.39 -8.91
CA GLU A 118 20.60 14.69 -7.50
C GLU A 118 20.05 16.07 -7.11
N LYS A 119 20.79 17.13 -7.42
CA LYS A 119 20.38 18.50 -7.10
C LYS A 119 19.91 18.74 -5.65
N LEU A 120 20.54 18.14 -4.66
CA LEU A 120 20.03 18.30 -3.29
C LEU A 120 20.05 19.72 -2.72
N ALA A 121 21.09 20.49 -3.00
CA ALA A 121 21.19 21.83 -2.44
C ALA A 121 19.99 22.69 -2.83
N THR A 122 19.55 22.58 -4.07
CA THR A 122 18.43 23.36 -4.56
C THR A 122 17.04 22.88 -4.11
N ALA A 123 16.94 21.70 -3.52
CA ALA A 123 15.64 21.15 -3.12
C ALA A 123 14.85 21.92 -2.08
N ARG A 124 13.63 22.29 -2.42
CA ARG A 124 12.77 23.01 -1.49
C ARG A 124 11.44 22.34 -1.11
N LYS A 125 11.15 21.20 -1.73
CA LYS A 125 9.96 20.40 -1.42
C LYS A 125 10.51 19.00 -1.26
N VAL A 126 10.57 18.52 -0.04
CA VAL A 126 11.19 17.24 0.21
C VAL A 126 10.49 16.39 1.25
N LEU A 127 10.64 15.09 1.12
CA LEU A 127 10.09 14.11 2.06
C LEU A 127 11.25 13.46 2.81
N LEU A 128 11.20 13.52 4.14
CA LEU A 128 12.22 12.96 5.01
C LEU A 128 11.65 11.74 5.70
N ILE A 129 12.37 10.62 5.63
CA ILE A 129 11.88 9.34 6.08
C ILE A 129 12.73 8.85 7.23
N ASP A 130 12.15 8.84 8.42
CA ASP A 130 12.83 8.47 9.67
C ASP A 130 12.62 6.98 9.92
N ALA A 131 13.60 6.17 9.48
CA ALA A 131 13.76 4.77 9.90
C ALA A 131 12.54 3.90 9.58
N VAL A 132 11.99 4.06 8.37
CA VAL A 132 10.97 3.16 7.86
C VAL A 132 11.64 1.89 7.34
N GLN A 133 11.20 0.73 7.82
CA GLN A 133 11.83 -0.54 7.50
C GLN A 133 11.12 -1.31 6.40
N ASP A 134 9.81 -1.19 6.32
CA ASP A 134 9.05 -1.94 5.32
C ASP A 134 9.28 -1.43 3.91
N PRO A 135 9.70 -2.32 3.02
CA PRO A 135 9.97 -2.02 1.63
C PRO A 135 8.73 -1.52 0.92
N GLY A 136 7.60 -2.10 1.24
CA GLY A 136 6.34 -1.68 0.66
C GLY A 136 6.03 -0.26 1.05
N ASN A 137 6.11 0.05 2.34
CA ASN A 137 5.84 1.41 2.77
C ASN A 137 6.83 2.38 2.13
N LEU A 138 8.09 2.00 2.09
CA LEU A 138 9.13 2.88 1.55
C LEU A 138 8.91 3.16 0.07
N GLY A 139 8.52 2.15 -0.66
CA GLY A 139 8.25 2.28 -2.07
C GLY A 139 7.06 3.17 -2.34
N THR A 140 6.02 3.01 -1.54
CA THR A 140 4.84 3.81 -1.65
C THR A 140 5.15 5.27 -1.38
N MET A 141 5.98 5.53 -0.40
CA MET A 141 6.36 6.87 -0.05
C MET A 141 7.13 7.51 -1.22
N ILE A 142 8.06 6.78 -1.78
CA ILE A 142 8.82 7.29 -2.90
C ILE A 142 7.90 7.60 -4.10
N ARG A 143 7.01 6.70 -4.41
CA ARG A 143 6.09 6.86 -5.52
C ARG A 143 5.20 8.08 -5.30
N THR A 144 4.73 8.27 -4.10
CA THR A 144 3.90 9.38 -3.77
C THR A 144 4.65 10.69 -3.89
N ALA A 145 5.88 10.74 -3.41
CA ALA A 145 6.70 11.93 -3.53
C ALA A 145 6.91 12.32 -5.00
N ASP A 146 7.15 11.32 -5.83
CA ASP A 146 7.27 11.48 -7.24
C ASP A 146 5.96 12.05 -7.77
N ALA A 147 4.84 11.44 -7.49
CA ALA A 147 3.57 11.92 -7.98
C ALA A 147 3.27 13.37 -7.62
N ALA A 148 3.58 13.74 -6.37
CA ALA A 148 3.33 15.10 -5.87
C ALA A 148 4.35 16.12 -6.38
N GLY A 149 5.30 15.65 -7.18
CA GLY A 149 6.33 16.51 -7.74
C GLY A 149 7.31 17.09 -6.75
N LEU A 150 7.69 16.33 -5.75
CA LEU A 150 8.65 16.80 -4.77
C LEU A 150 10.06 16.77 -5.35
N ASP A 151 10.92 17.60 -4.80
CA ASP A 151 12.32 17.65 -5.23
C ASP A 151 13.17 16.43 -4.94
N ALA A 152 13.01 15.85 -3.75
CA ALA A 152 13.80 14.71 -3.36
C ALA A 152 13.19 13.97 -2.20
N VAL A 153 13.66 12.76 -2.01
CA VAL A 153 13.26 11.94 -0.89
C VAL A 153 14.56 11.70 -0.14
N VAL A 154 14.57 12.02 1.13
CA VAL A 154 15.76 11.86 1.94
C VAL A 154 15.57 10.80 3.01
N LEU A 155 16.44 9.80 3.01
CA LEU A 155 16.34 8.72 3.96
C LEU A 155 17.29 8.85 5.13
N GLY A 156 16.72 8.83 6.34
CA GLY A 156 17.48 8.92 7.56
C GLY A 156 18.14 7.62 7.96
N ASP A 157 19.09 7.70 8.86
CA ASP A 157 19.77 6.52 9.36
C ASP A 157 18.75 5.53 9.90
N GLY A 158 18.86 4.29 9.46
CA GLY A 158 17.97 3.25 9.90
C GLY A 158 16.92 2.85 8.89
N THR A 159 16.71 3.70 7.90
CA THR A 159 15.73 3.43 6.89
C THR A 159 16.27 2.33 6.00
N ALA A 160 15.39 1.49 5.47
CA ALA A 160 15.75 0.40 4.59
C ALA A 160 16.34 0.89 3.27
N ASP A 161 17.13 0.03 2.65
CA ASP A 161 17.74 0.39 1.40
C ASP A 161 16.68 0.54 0.32
N ALA A 162 16.67 1.71 -0.29
CA ALA A 162 15.74 2.05 -1.36
C ALA A 162 15.94 1.25 -2.65
N PHE A 163 17.15 0.76 -2.87
CA PHE A 163 17.45 0.02 -4.07
C PHE A 163 17.29 -1.51 -3.99
N ASN A 164 16.76 -1.98 -2.87
CA ASN A 164 16.48 -3.40 -2.74
C ASN A 164 15.30 -3.72 -3.65
N GLY A 165 15.30 -4.92 -4.21
CA GLY A 165 14.24 -5.35 -5.11
C GLY A 165 12.81 -5.07 -4.71
N LYS A 166 12.47 -5.30 -3.45
CA LYS A 166 11.12 -5.06 -3.03
C LYS A 166 10.72 -3.61 -3.13
N THR A 167 11.61 -2.72 -2.74
CA THR A 167 11.34 -1.30 -2.83
C THR A 167 11.24 -0.81 -4.27
N LEU A 168 12.12 -1.32 -5.12
CA LEU A 168 12.10 -0.96 -6.53
C LEU A 168 10.78 -1.36 -7.12
N ARG A 169 10.35 -2.58 -6.83
CA ARG A 169 9.10 -3.07 -7.34
C ARG A 169 7.95 -2.27 -6.79
N SER A 170 7.99 -1.99 -5.51
CA SER A 170 6.94 -1.27 -4.87
C SER A 170 6.77 0.15 -5.42
N ALA A 171 7.89 0.78 -5.69
CA ALA A 171 7.93 2.18 -6.20
C ALA A 171 7.48 2.32 -7.67
N GLN A 172 7.46 1.18 -8.38
CA GLN A 172 6.97 1.13 -9.76
C GLN A 172 7.58 2.18 -10.71
N GLY A 173 8.89 2.41 -10.56
CA GLY A 173 9.58 3.32 -11.45
C GLY A 173 9.87 4.71 -10.96
N SER A 174 9.42 5.07 -9.79
CA SER A 174 9.69 6.40 -9.33
C SER A 174 11.17 6.67 -9.06
N HIS A 175 11.96 5.62 -8.88
CA HIS A 175 13.39 5.77 -8.65
C HIS A 175 14.01 6.45 -9.86
N PHE A 176 13.37 6.28 -11.02
CA PHE A 176 13.84 6.88 -12.24
C PHE A 176 13.62 8.37 -12.33
N HIS A 177 12.71 8.89 -11.53
CA HIS A 177 12.35 10.26 -11.56
C HIS A 177 12.83 11.18 -10.47
N ILE A 178 12.87 10.71 -9.25
CA ILE A 178 13.21 11.56 -8.16
C ILE A 178 14.40 11.02 -7.43
N PRO A 179 15.27 11.91 -6.97
CA PRO A 179 16.43 11.46 -6.20
C PRO A 179 16.01 10.89 -4.87
N VAL A 180 16.62 9.77 -4.48
CA VAL A 180 16.35 9.15 -3.20
C VAL A 180 17.72 9.00 -2.55
N VAL A 181 18.03 9.92 -1.66
CA VAL A 181 19.34 9.94 -1.03
C VAL A 181 19.36 9.74 0.48
N ARG A 182 20.53 9.43 1.01
CA ARG A 182 20.74 9.17 2.43
C ARG A 182 21.47 10.31 3.13
N ARG A 183 20.88 10.84 4.18
CA ARG A 183 21.47 11.93 4.95
C ARG A 183 21.15 11.76 6.42
N ASN A 184 21.86 12.47 7.29
CA ASN A 184 21.58 12.41 8.70
C ASN A 184 20.45 13.40 8.87
N LEU A 185 19.30 12.93 9.32
CA LEU A 185 18.12 13.79 9.44
C LEU A 185 18.28 15.03 10.31
N PRO A 186 18.82 14.86 11.52
CA PRO A 186 19.02 15.99 12.40
C PRO A 186 19.87 17.07 11.73
N SER A 187 20.98 16.70 11.12
CA SER A 187 21.77 17.68 10.43
C SER A 187 21.08 18.27 9.23
N TYR A 188 20.41 17.44 8.45
CA TYR A 188 19.72 17.93 7.27
C TYR A 188 18.63 18.94 7.63
N VAL A 189 17.92 18.68 8.71
CA VAL A 189 16.90 19.58 9.15
C VAL A 189 17.51 20.95 9.45
N ASP A 190 18.65 20.95 10.11
CA ASP A 190 19.34 22.19 10.44
C ASP A 190 19.65 22.92 9.15
N GLU A 191 20.15 22.19 8.16
CA GLU A 191 20.48 22.77 6.88
C GLU A 191 19.25 23.34 6.19
N LEU A 192 18.14 22.62 6.26
CA LEU A 192 16.90 23.09 5.66
C LEU A 192 16.41 24.37 6.30
N LYS A 193 16.49 24.41 7.62
CA LYS A 193 16.06 25.57 8.39
C LYS A 193 16.88 26.80 8.07
N ALA A 194 18.17 26.59 7.85
CA ALA A 194 19.12 27.63 7.47
C ALA A 194 18.75 28.23 6.12
N GLU A 195 18.26 27.41 5.21
CA GLU A 195 17.83 27.84 3.89
C GLU A 195 16.39 28.41 3.87
N GLY A 196 15.72 28.42 5.01
CA GLY A 196 14.38 28.95 5.10
C GLY A 196 13.24 28.03 4.75
N VAL A 197 13.52 26.75 4.59
CA VAL A 197 12.47 25.78 4.29
C VAL A 197 11.73 25.45 5.56
N LYS A 198 10.42 25.49 5.53
CA LYS A 198 9.66 25.17 6.72
C LYS A 198 9.65 23.66 6.93
N VAL A 199 9.89 23.23 8.16
CA VAL A 199 9.93 21.82 8.47
C VAL A 199 8.75 21.33 9.27
N TYR A 200 8.04 20.36 8.72
CA TYR A 200 6.87 19.80 9.37
C TYR A 200 7.13 18.38 9.85
N GLY A 201 6.62 18.07 11.03
CA GLY A 201 6.78 16.76 11.61
C GLY A 201 5.45 16.06 11.68
N THR A 202 5.46 14.76 11.44
CA THR A 202 4.23 14.01 11.51
C THR A 202 4.11 13.49 12.91
N ALA A 203 3.20 14.08 13.67
CA ALA A 203 2.97 13.71 15.07
C ALA A 203 1.68 14.29 15.63
N LEU A 204 1.08 13.53 16.53
CA LEU A 204 -0.10 13.99 17.24
C LEU A 204 0.23 14.97 18.35
N GLN A 205 1.24 14.62 19.13
CA GLN A 205 1.63 15.41 20.26
C GLN A 205 2.07 16.73 19.74
N ASN A 206 1.48 17.79 20.26
CA ASN A 206 1.75 19.18 19.86
C ASN A 206 1.55 19.38 18.38
N GLY A 207 0.62 18.63 17.84
CA GLY A 207 0.32 18.71 16.44
C GLY A 207 -1.09 19.15 16.21
N ALA A 208 -1.32 19.63 15.00
CA ALA A 208 -2.62 20.06 14.63
C ALA A 208 -3.12 19.16 13.53
N PRO A 209 -4.43 19.08 13.37
CA PRO A 209 -5.02 18.31 12.29
C PRO A 209 -4.57 18.96 11.02
N TYR A 210 -4.16 18.16 10.06
CA TYR A 210 -3.66 18.67 8.81
C TYR A 210 -4.51 19.70 8.05
N GLN A 211 -5.84 19.58 8.08
CA GLN A 211 -6.69 20.51 7.36
C GLN A 211 -6.61 21.96 7.86
N GLU A 212 -6.25 22.17 9.11
CA GLU A 212 -6.04 23.48 9.64
C GLU A 212 -4.80 24.17 9.11
N ILE A 213 -3.83 23.39 8.65
CA ILE A 213 -2.57 23.93 8.15
C ILE A 213 -2.63 24.51 6.75
N PRO A 214 -2.02 25.68 6.57
CA PRO A 214 -2.01 26.31 5.24
C PRO A 214 -0.98 25.68 4.32
N GLN A 215 -1.17 25.84 3.01
CA GLN A 215 -0.23 25.30 2.06
C GLN A 215 1.08 26.07 2.11
N SER A 216 2.17 25.41 1.74
CA SER A 216 3.46 26.06 1.76
C SER A 216 4.20 25.84 0.47
N GLU A 217 4.79 26.89 -0.07
CA GLU A 217 5.58 26.80 -1.29
C GLU A 217 6.82 25.94 -1.11
N SER A 218 7.48 26.08 0.02
CA SER A 218 8.65 25.28 0.31
C SER A 218 8.38 24.56 1.61
N PHE A 219 8.62 23.26 1.62
CA PHE A 219 8.37 22.49 2.82
C PHE A 219 9.17 21.22 2.87
N ALA A 220 9.35 20.72 4.07
CA ALA A 220 10.00 19.47 4.28
C ALA A 220 9.14 18.72 5.27
N LEU A 221 8.70 17.52 4.89
CA LEU A 221 7.88 16.73 5.78
C LEU A 221 8.61 15.52 6.30
N ILE A 222 8.58 15.33 7.60
CA ILE A 222 9.23 14.22 8.19
C ILE A 222 8.22 13.15 8.56
N VAL A 223 8.44 11.94 8.10
CA VAL A 223 7.57 10.82 8.41
C VAL A 223 8.37 9.72 9.07
N GLY A 224 7.70 8.93 9.86
CA GLY A 224 8.31 7.88 10.63
C GLY A 224 7.70 6.52 10.51
N ASN A 225 8.26 5.57 11.25
CA ASN A 225 7.81 4.20 11.22
C ASN A 225 6.51 3.98 11.97
N GLU A 226 5.89 2.83 11.75
CA GLU A 226 4.63 2.50 12.37
C GLU A 226 4.61 2.42 13.89
N GLY A 227 5.64 1.90 14.52
CA GLY A 227 5.56 1.81 15.97
C GLY A 227 6.00 3.03 16.73
N ALA A 228 7.29 3.32 16.70
CA ALA A 228 7.84 4.47 17.39
C ALA A 228 7.40 5.82 16.85
N GLY A 229 7.33 5.94 15.54
CA GLY A 229 7.01 7.20 14.92
C GLY A 229 8.28 8.01 14.77
N VAL A 230 8.16 9.26 14.42
CA VAL A 230 9.33 10.12 14.27
C VAL A 230 10.04 10.26 15.62
N ASP A 231 11.38 10.15 15.59
CA ASP A 231 12.22 10.30 16.76
C ASP A 231 11.96 11.61 17.49
N ALA A 232 11.92 11.52 18.83
CA ALA A 232 11.54 12.67 19.66
C ALA A 232 12.49 13.84 19.48
N ALA A 233 13.80 13.56 19.41
CA ALA A 233 14.79 14.62 19.22
C ALA A 233 14.65 15.29 17.86
N LEU A 234 14.09 14.58 16.90
CA LEU A 234 13.88 15.16 15.59
C LEU A 234 12.61 16.01 15.56
N LEU A 235 11.61 15.59 16.30
CA LEU A 235 10.39 16.33 16.40
C LEU A 235 10.58 17.67 17.07
N GLU A 236 11.59 17.80 17.90
CA GLU A 236 11.83 19.05 18.59
C GLU A 236 12.37 20.10 17.67
N LYS A 237 12.93 19.68 16.57
CA LYS A 237 13.54 20.58 15.61
C LYS A 237 12.53 21.13 14.60
N THR A 238 11.34 20.57 14.59
CA THR A 238 10.33 20.98 13.63
C THR A 238 9.68 22.30 13.93
N ASP A 239 9.38 23.04 12.88
CA ASP A 239 8.68 24.29 13.00
C ASP A 239 7.25 24.05 13.47
N LEU A 240 6.64 23.03 12.89
CA LEU A 240 5.26 22.69 13.17
C LEU A 240 5.03 21.20 13.03
N ASN A 241 4.05 20.68 13.75
CA ASN A 241 3.72 19.27 13.67
C ASN A 241 2.27 19.09 13.25
N LEU A 242 2.01 18.11 12.41
CA LEU A 242 0.66 17.86 11.94
C LEU A 242 0.32 16.38 11.86
N TYR A 243 -0.97 16.07 11.78
CA TYR A 243 -1.38 14.68 11.71
C TYR A 243 -2.72 14.48 11.01
N VAL A 244 -3.00 13.24 10.65
CA VAL A 244 -4.25 12.88 10.03
C VAL A 244 -5.15 12.38 11.14
N PRO A 245 -6.29 13.04 11.35
CA PRO A 245 -7.12 12.67 12.50
C PRO A 245 -7.79 11.32 12.33
N LEU A 246 -7.93 10.61 13.45
CA LEU A 246 -8.57 9.30 13.47
C LEU A 246 -9.98 9.47 14.01
N TYR A 247 -10.97 9.25 13.16
CA TYR A 247 -12.36 9.45 13.56
C TYR A 247 -13.06 8.16 13.95
N GLY A 248 -12.62 7.04 13.40
CA GLY A 248 -13.24 5.77 13.68
C GLY A 248 -12.51 4.96 14.72
N GLN A 249 -12.73 3.66 14.72
CA GLN A 249 -12.12 2.81 15.70
C GLN A 249 -10.68 2.41 15.40
N ALA A 250 -10.21 2.63 14.19
CA ALA A 250 -8.88 2.23 13.85
C ALA A 250 -7.84 2.86 14.71
N GLU A 251 -6.94 2.01 15.16
CA GLU A 251 -5.86 2.41 15.98
C GLU A 251 -4.93 3.35 15.26
N SER A 252 -4.68 3.08 14.00
CA SER A 252 -3.80 3.89 13.19
C SER A 252 -4.03 3.76 11.71
N LEU A 253 -3.49 4.70 10.98
CA LEU A 253 -3.49 4.68 9.56
C LEU A 253 -2.13 4.17 9.13
N ASN A 254 -2.06 3.53 7.98
CA ASN A 254 -0.81 3.07 7.48
C ASN A 254 0.08 4.30 7.26
N VAL A 255 1.32 4.23 7.68
CA VAL A 255 2.18 5.40 7.58
C VAL A 255 2.41 5.98 6.22
N ALA A 256 2.45 5.17 5.19
CA ALA A 256 2.62 5.68 3.86
C ALA A 256 1.36 6.38 3.39
N VAL A 257 0.23 5.82 3.77
CA VAL A 257 -1.05 6.43 3.43
C VAL A 257 -1.19 7.79 4.10
N ALA A 258 -0.79 7.86 5.37
CA ALA A 258 -0.84 9.09 6.12
C ALA A 258 0.12 10.12 5.51
N ALA A 259 1.29 9.64 5.11
CA ALA A 259 2.29 10.51 4.51
C ALA A 259 1.76 11.12 3.22
N ALA A 260 1.07 10.33 2.42
CA ALA A 260 0.53 10.79 1.15
C ALA A 260 -0.49 11.91 1.33
N ILE A 261 -1.31 11.78 2.34
CA ILE A 261 -2.31 12.75 2.61
C ILE A 261 -1.63 14.08 2.98
N LEU A 262 -0.62 14.01 3.83
CA LEU A 262 0.07 15.21 4.27
C LEU A 262 0.88 15.89 3.17
N VAL A 263 1.62 15.10 2.40
CA VAL A 263 2.42 15.62 1.30
C VAL A 263 1.53 16.38 0.29
N TYR A 264 0.44 15.73 -0.11
CA TYR A 264 -0.46 16.33 -1.07
C TYR A 264 -1.17 17.55 -0.50
N HIS A 265 -1.43 17.53 0.79
CA HIS A 265 -2.07 18.68 1.40
C HIS A 265 -1.17 19.89 1.32
N LEU A 266 0.05 19.76 1.78
CA LEU A 266 1.01 20.86 1.79
C LEU A 266 1.24 21.40 0.39
N ARG A 267 1.34 20.50 -0.56
CA ARG A 267 1.56 20.82 -1.93
C ARG A 267 0.41 21.60 -2.53
N GLY A 268 -0.80 21.31 -2.10
CA GLY A 268 -1.97 21.99 -2.61
C GLY A 268 -2.15 21.70 -4.08
N HIS B 20 -18.80 -26.61 27.00
CA HIS B 20 -17.44 -26.74 27.52
C HIS B 20 -16.45 -26.94 26.38
N MET B 21 -15.17 -26.81 26.70
CA MET B 21 -14.10 -26.93 25.72
C MET B 21 -14.02 -28.34 25.15
N LYS B 22 -13.59 -28.45 23.90
CA LYS B 22 -13.43 -29.73 23.24
C LYS B 22 -12.03 -29.81 22.68
N GLN B 23 -11.46 -31.02 22.64
CA GLN B 23 -10.12 -31.21 22.10
C GLN B 23 -10.18 -31.93 20.77
N ILE B 24 -9.34 -31.50 19.85
CA ILE B 24 -9.29 -32.06 18.51
C ILE B 24 -7.86 -32.48 18.23
N GLU B 25 -7.65 -33.78 18.03
CA GLU B 25 -6.30 -34.33 17.85
C GLU B 25 -5.93 -34.56 16.39
N SER B 26 -6.85 -35.11 15.63
CA SER B 26 -6.57 -35.44 14.26
C SER B 26 -6.80 -34.34 13.26
N ALA B 27 -5.89 -34.26 12.29
CA ALA B 27 -5.97 -33.35 11.16
C ALA B 27 -7.11 -33.74 10.20
N LYS B 28 -7.51 -35.00 10.28
CA LYS B 28 -8.57 -35.55 9.45
C LYS B 28 -9.94 -35.40 10.05
N ASN B 29 -9.99 -34.79 11.22
CA ASN B 29 -11.25 -34.55 11.89
C ASN B 29 -12.11 -33.65 11.03
N GLN B 30 -13.39 -33.95 10.97
CA GLN B 30 -14.32 -33.18 10.15
C GLN B 30 -14.27 -31.68 10.39
N LYS B 31 -14.23 -31.26 11.64
CA LYS B 31 -14.15 -29.84 11.98
C LYS B 31 -12.88 -29.20 11.40
N VAL B 32 -11.79 -29.94 11.42
CA VAL B 32 -10.56 -29.42 10.86
C VAL B 32 -10.72 -29.28 9.36
N LYS B 33 -11.37 -30.25 8.73
CA LYS B 33 -11.60 -30.18 7.30
C LYS B 33 -12.48 -28.99 6.99
N ASP B 34 -13.52 -28.79 7.77
CA ASP B 34 -14.40 -27.69 7.51
C ASP B 34 -13.75 -26.33 7.79
N TRP B 35 -12.91 -26.25 8.82
CA TRP B 35 -12.20 -25.00 9.11
C TRP B 35 -11.26 -24.67 7.95
N LYS B 36 -10.61 -25.69 7.41
CA LYS B 36 -9.72 -25.57 6.25
C LYS B 36 -10.49 -25.09 5.03
N LYS B 37 -11.73 -25.53 4.91
CA LYS B 37 -12.59 -25.14 3.82
C LYS B 37 -12.96 -23.67 3.86
N LEU B 38 -12.77 -23.04 5.02
CA LEU B 38 -13.08 -21.62 5.23
C LEU B 38 -12.21 -20.65 4.41
N HIS B 39 -11.04 -21.16 4.01
CA HIS B 39 -10.10 -20.43 3.18
C HIS B 39 -10.52 -20.19 1.72
N THR B 40 -11.56 -20.88 1.27
CA THR B 40 -12.17 -20.68 -0.03
C THR B 40 -13.47 -19.91 0.11
N LYS B 41 -13.79 -19.13 -0.91
CA LYS B 41 -14.99 -18.33 -0.92
C LYS B 41 -16.30 -19.11 -0.91
N LYS B 42 -16.37 -20.24 -1.60
CA LYS B 42 -17.64 -20.95 -1.61
C LYS B 42 -18.07 -21.41 -0.23
N GLU B 43 -17.14 -21.89 0.56
CA GLU B 43 -17.47 -22.31 1.92
C GLU B 43 -17.95 -21.14 2.77
N ARG B 44 -17.32 -20.00 2.58
CA ARG B 44 -17.67 -18.83 3.34
C ARG B 44 -19.05 -18.42 3.00
N THR B 45 -19.36 -18.45 1.73
CA THR B 45 -20.68 -18.09 1.31
C THR B 45 -21.70 -19.07 1.80
N LYS B 46 -21.36 -20.34 1.78
CA LYS B 46 -22.31 -21.35 2.21
C LYS B 46 -22.62 -21.28 3.67
N THR B 47 -21.62 -21.13 4.46
CA THR B 47 -21.80 -21.12 5.90
C THR B 47 -22.04 -19.76 6.50
N ASN B 48 -21.81 -18.72 5.72
CA ASN B 48 -21.89 -17.32 6.15
C ASN B 48 -20.96 -17.04 7.30
N THR B 49 -19.78 -17.63 7.25
CA THR B 49 -18.76 -17.46 8.27
C THR B 49 -17.41 -17.40 7.63
N PHE B 50 -16.42 -16.94 8.39
CA PHE B 50 -15.07 -16.84 7.94
C PHE B 50 -14.04 -17.06 9.03
N LEU B 51 -12.81 -17.31 8.65
CA LEU B 51 -11.74 -17.60 9.57
C LEU B 51 -10.66 -16.52 9.67
N ILE B 52 -10.27 -16.18 10.89
CA ILE B 52 -9.23 -15.19 11.11
C ILE B 52 -8.15 -15.82 11.97
N GLU B 53 -6.91 -15.41 11.75
CA GLU B 53 -5.81 -15.97 12.50
C GLU B 53 -4.99 -14.89 13.16
N GLY B 54 -4.44 -15.19 14.32
CA GLY B 54 -3.60 -14.26 15.04
C GLY B 54 -4.26 -13.51 16.18
N GLU B 55 -3.49 -13.20 17.21
CA GLU B 55 -4.02 -12.51 18.38
C GLU B 55 -4.65 -11.15 18.08
N HIS B 56 -4.00 -10.35 17.26
CA HIS B 56 -4.52 -9.02 16.96
C HIS B 56 -5.90 -9.06 16.33
N LEU B 57 -6.06 -9.91 15.32
CA LEU B 57 -7.36 -10.01 14.67
C LEU B 57 -8.43 -10.54 15.60
N VAL B 58 -8.08 -11.56 16.37
CA VAL B 58 -9.02 -12.15 17.32
C VAL B 58 -9.41 -11.15 18.41
N GLU B 59 -8.43 -10.41 18.90
CA GLU B 59 -8.67 -9.42 19.92
C GLU B 59 -9.73 -8.44 19.46
N GLU B 60 -9.54 -7.92 18.24
CA GLU B 60 -10.48 -6.97 17.67
C GLU B 60 -11.86 -7.57 17.46
N ALA B 61 -11.89 -8.81 17.02
CA ALA B 61 -13.13 -9.47 16.75
C ALA B 61 -13.89 -9.66 18.03
N LEU B 62 -13.17 -9.93 19.09
CA LEU B 62 -13.77 -10.13 20.40
C LEU B 62 -14.43 -8.86 20.93
N LYS B 63 -13.84 -7.72 20.62
CA LYS B 63 -14.40 -6.44 21.01
C LYS B 63 -15.72 -6.11 20.35
N SER B 64 -16.06 -6.74 19.25
CA SER B 64 -17.37 -6.57 18.66
C SER B 64 -18.24 -7.72 19.12
N PRO B 65 -19.17 -7.44 20.04
CA PRO B 65 -20.04 -8.47 20.60
C PRO B 65 -20.83 -9.29 19.59
N GLY B 66 -20.82 -10.60 19.79
CA GLY B 66 -21.56 -11.53 18.96
C GLY B 66 -20.96 -11.96 17.64
N ILE B 67 -19.76 -11.52 17.35
CA ILE B 67 -19.11 -11.88 16.09
C ILE B 67 -18.41 -13.24 16.09
N VAL B 68 -17.57 -13.48 17.06
CA VAL B 68 -16.84 -14.70 17.14
C VAL B 68 -17.73 -15.85 17.54
N LYS B 69 -17.66 -16.92 16.76
CA LYS B 69 -18.41 -18.10 17.01
C LYS B 69 -17.60 -19.19 17.69
N GLU B 70 -16.36 -19.38 17.24
CA GLU B 70 -15.46 -20.39 17.79
C GLU B 70 -14.06 -19.86 17.99
N ILE B 71 -13.41 -20.34 19.05
CA ILE B 71 -12.06 -19.97 19.35
C ILE B 71 -11.17 -21.20 19.27
N LEU B 72 -10.11 -21.12 18.48
CA LEU B 72 -9.19 -22.23 18.30
C LEU B 72 -7.83 -21.89 18.85
N VAL B 73 -7.31 -22.72 19.74
CA VAL B 73 -6.00 -22.54 20.35
C VAL B 73 -5.30 -23.86 20.50
N LYS B 74 -3.99 -23.83 20.70
CA LYS B 74 -3.22 -25.02 20.97
C LYS B 74 -2.95 -25.12 22.47
N ASP B 75 -3.05 -23.99 23.16
CA ASP B 75 -2.77 -23.93 24.58
C ASP B 75 -3.97 -23.39 25.32
N GLU B 76 -4.38 -24.09 26.36
CA GLU B 76 -5.55 -23.72 27.14
C GLU B 76 -5.43 -22.31 27.75
N THR B 77 -4.21 -21.93 28.10
CA THR B 77 -3.96 -20.63 28.71
C THR B 77 -4.11 -19.47 27.73
N ARG B 78 -4.23 -19.74 26.44
CA ARG B 78 -4.38 -18.67 25.48
C ARG B 78 -5.84 -18.30 25.27
N ILE B 79 -6.73 -19.04 25.91
CA ILE B 79 -8.13 -18.75 25.79
C ILE B 79 -8.44 -17.55 26.67
N PRO B 80 -9.01 -16.50 26.08
CA PRO B 80 -9.37 -15.27 26.79
C PRO B 80 -10.14 -15.53 28.07
N SER B 81 -9.80 -14.76 29.09
CA SER B 81 -10.38 -14.91 30.43
C SER B 81 -11.90 -14.71 30.54
N ASP B 82 -12.45 -13.76 29.81
CA ASP B 82 -13.88 -13.52 29.90
C ASP B 82 -14.56 -13.53 28.55
N LEU B 83 -14.68 -14.71 27.96
CA LEU B 83 -15.31 -14.84 26.67
C LEU B 83 -16.81 -14.83 26.80
N GLU B 84 -17.50 -14.44 25.74
CA GLU B 84 -18.95 -14.44 25.73
C GLU B 84 -19.40 -15.89 25.86
N THR B 85 -20.47 -16.10 26.59
CA THR B 85 -20.88 -17.46 26.85
C THR B 85 -21.14 -18.34 25.66
N GLY B 86 -21.67 -17.80 24.59
CA GLY B 86 -21.95 -18.61 23.45
C GLY B 86 -20.75 -19.10 22.66
N ILE B 87 -19.57 -18.59 22.95
CA ILE B 87 -18.42 -18.98 22.19
C ILE B 87 -17.87 -20.37 22.56
N GLN B 88 -17.66 -21.22 21.55
CA GLN B 88 -17.19 -22.55 21.74
C GLN B 88 -15.72 -22.61 21.50
N CYS B 89 -15.00 -23.15 22.45
CA CYS B 89 -13.57 -23.22 22.38
C CYS B 89 -13.05 -24.60 22.01
N TYR B 90 -11.97 -24.63 21.25
CA TYR B 90 -11.38 -25.89 20.82
C TYR B 90 -9.89 -25.85 21.02
N MET B 91 -9.36 -26.87 21.66
CA MET B 91 -7.95 -26.94 21.87
C MET B 91 -7.51 -27.97 20.88
N LEU B 92 -6.64 -27.58 19.97
CA LEU B 92 -6.19 -28.47 18.93
C LEU B 92 -4.77 -28.87 19.10
N SER B 93 -4.41 -29.96 18.45
CA SER B 93 -3.04 -30.42 18.42
C SER B 93 -2.24 -29.60 17.45
N GLU B 94 -0.93 -29.69 17.50
CA GLU B 94 -0.11 -28.93 16.59
C GLU B 94 -0.39 -29.27 15.16
N ASP B 95 -0.54 -30.54 14.87
CA ASP B 95 -0.86 -30.93 13.53
C ASP B 95 -2.22 -30.43 13.09
N ALA B 96 -3.20 -30.48 13.95
CA ALA B 96 -4.50 -30.01 13.57
C ALA B 96 -4.51 -28.49 13.40
N PHE B 97 -3.82 -27.79 14.28
CA PHE B 97 -3.77 -26.35 14.18
C PHE B 97 -3.12 -25.93 12.89
N SER B 98 -2.00 -26.55 12.57
CA SER B 98 -1.27 -26.24 11.33
C SER B 98 -2.15 -26.46 10.10
N ALA B 99 -2.97 -27.51 10.12
CA ALA B 99 -3.86 -27.80 9.03
C ALA B 99 -4.88 -26.70 8.70
N VAL B 100 -5.37 -26.14 9.78
CA VAL B 100 -6.34 -25.08 9.72
C VAL B 100 -5.85 -23.72 9.21
N THR B 101 -4.63 -23.37 9.57
CA THR B 101 -4.06 -22.06 9.28
C THR B 101 -3.29 -21.90 7.94
N GLU B 102 -3.49 -20.73 7.29
CA GLU B 102 -2.84 -20.34 6.06
C GLU B 102 -1.62 -19.46 6.17
N THR B 103 -1.29 -19.04 7.37
CA THR B 103 -0.14 -18.22 7.49
C THR B 103 0.97 -19.18 7.88
N GLU B 104 2.06 -19.00 7.19
CA GLU B 104 3.24 -19.78 7.51
C GLU B 104 3.78 -19.39 8.88
N THR B 105 3.74 -18.09 9.18
CA THR B 105 4.23 -17.59 10.46
C THR B 105 3.47 -18.22 11.62
N PRO B 106 4.17 -18.48 12.72
CA PRO B 106 3.58 -19.10 13.90
C PRO B 106 2.50 -18.26 14.54
N GLN B 107 1.37 -18.91 14.85
CA GLN B 107 0.23 -18.25 15.47
C GLN B 107 -0.22 -19.08 16.66
N GLN B 108 -0.81 -18.46 17.65
CA GLN B 108 -1.27 -19.19 18.82
C GLN B 108 -2.79 -19.18 18.97
N ILE B 109 -3.48 -18.51 18.06
CA ILE B 109 -4.93 -18.44 18.16
C ILE B 109 -5.57 -18.14 16.81
N ALA B 110 -6.77 -18.66 16.63
CA ALA B 110 -7.57 -18.46 15.45
C ALA B 110 -9.02 -18.41 15.87
N ALA B 111 -9.86 -17.81 15.04
CA ALA B 111 -11.27 -17.74 15.35
C ALA B 111 -12.14 -17.84 14.12
N VAL B 112 -13.37 -18.30 14.32
CA VAL B 112 -14.32 -18.39 13.25
C VAL B 112 -15.37 -17.34 13.59
N CYS B 113 -15.63 -16.45 12.65
CA CYS B 113 -16.55 -15.36 12.86
C CYS B 113 -17.73 -15.38 11.92
N HIS B 114 -18.82 -14.80 12.37
CA HIS B 114 -20.00 -14.70 11.54
C HIS B 114 -19.79 -13.61 10.52
N MET B 115 -20.30 -13.79 9.31
CA MET B 115 -20.16 -12.75 8.30
C MET B 115 -21.06 -11.58 8.69
N PRO B 116 -20.66 -10.38 8.30
CA PRO B 116 -21.42 -9.20 8.66
C PRO B 116 -22.81 -9.13 8.04
N GLU B 117 -23.71 -8.41 8.71
CA GLU B 117 -25.06 -8.25 8.21
C GLU B 117 -25.01 -7.44 6.91
N GLU B 118 -25.66 -7.92 5.86
CA GLU B 118 -25.71 -7.21 4.59
C GLU B 118 -26.52 -5.91 4.60
N LYS B 119 -27.62 -5.89 5.35
CA LYS B 119 -28.44 -4.69 5.41
C LYS B 119 -27.68 -3.53 6.02
N LEU B 120 -27.86 -2.34 5.48
CA LEU B 120 -27.18 -1.14 5.97
C LEU B 120 -28.15 -0.23 6.68
N ALA B 121 -27.98 -0.08 7.99
CA ALA B 121 -28.86 0.80 8.74
C ALA B 121 -28.68 2.27 8.33
N THR B 122 -27.45 2.69 8.16
CA THR B 122 -27.14 4.07 7.77
C THR B 122 -26.09 4.16 6.68
N ALA B 123 -26.33 4.98 5.68
CA ALA B 123 -25.38 5.17 4.59
C ALA B 123 -25.25 6.63 4.18
N ARG B 124 -24.70 7.47 5.02
CA ARG B 124 -24.53 8.86 4.63
C ARG B 124 -23.09 9.24 4.15
N LYS B 125 -22.08 8.52 4.63
CA LYS B 125 -20.71 8.72 4.22
C LYS B 125 -20.19 7.37 3.89
N VAL B 126 -20.09 7.06 2.62
CA VAL B 126 -19.70 5.76 2.18
C VAL B 126 -18.64 5.72 1.09
N LEU B 127 -17.92 4.62 1.04
CA LEU B 127 -16.91 4.39 0.04
C LEU B 127 -17.37 3.27 -0.87
N LEU B 128 -17.50 3.56 -2.14
CA LEU B 128 -17.92 2.56 -3.09
C LEU B 128 -16.69 2.11 -3.88
N ILE B 129 -16.44 0.81 -3.86
CA ILE B 129 -15.28 0.28 -4.55
C ILE B 129 -15.70 -0.45 -5.81
N ASP B 130 -15.18 -0.02 -6.94
CA ASP B 130 -15.53 -0.63 -8.21
C ASP B 130 -14.43 -1.53 -8.74
N ALA B 131 -14.74 -2.82 -8.81
CA ALA B 131 -13.83 -3.83 -9.30
C ALA B 131 -12.36 -3.78 -8.90
N VAL B 132 -12.05 -3.48 -7.64
CA VAL B 132 -10.67 -3.52 -7.26
C VAL B 132 -10.36 -4.98 -7.01
N GLN B 133 -9.22 -5.46 -7.44
CA GLN B 133 -8.87 -6.86 -7.28
C GLN B 133 -7.76 -7.16 -6.33
N ASP B 134 -6.89 -6.22 -6.12
CA ASP B 134 -5.83 -6.47 -5.25
C ASP B 134 -6.28 -6.47 -3.80
N PRO B 135 -5.98 -7.53 -3.11
CA PRO B 135 -6.37 -7.72 -1.72
C PRO B 135 -5.70 -6.73 -0.81
N GLY B 136 -4.45 -6.39 -1.07
CA GLY B 136 -3.76 -5.43 -0.29
C GLY B 136 -4.41 -4.06 -0.41
N ASN B 137 -4.76 -3.67 -1.61
CA ASN B 137 -5.43 -2.40 -1.86
C ASN B 137 -6.78 -2.37 -1.16
N LEU B 138 -7.50 -3.45 -1.31
CA LEU B 138 -8.81 -3.53 -0.70
C LEU B 138 -8.72 -3.40 0.78
N GLY B 139 -7.75 -4.04 1.36
CA GLY B 139 -7.55 -3.98 2.77
C GLY B 139 -7.22 -2.60 3.25
N THR B 140 -6.39 -1.92 2.50
CA THR B 140 -6.00 -0.58 2.82
C THR B 140 -7.19 0.34 2.76
N MET B 141 -8.03 0.17 1.78
CA MET B 141 -9.20 0.98 1.65
C MET B 141 -10.14 0.79 2.85
N ILE B 142 -10.31 -0.45 3.29
CA ILE B 142 -11.16 -0.75 4.40
C ILE B 142 -10.67 -0.12 5.68
N ARG B 143 -9.37 -0.19 5.89
N ARG B 143 -9.38 -0.19 5.90
CA ARG B 143 -8.73 0.35 7.05
CA ARG B 143 -8.75 0.37 7.08
C ARG B 143 -8.85 1.88 7.06
C ARG B 143 -8.90 1.90 7.06
N THR B 144 -8.71 2.47 5.88
CA THR B 144 -8.80 3.89 5.72
C THR B 144 -10.21 4.40 5.97
N ALA B 145 -11.19 3.67 5.48
CA ALA B 145 -12.56 4.00 5.69
C ALA B 145 -12.91 3.96 7.17
N ASP B 146 -12.40 2.98 7.88
CA ASP B 146 -12.60 2.87 9.29
C ASP B 146 -11.99 4.08 9.99
N ALA B 147 -10.77 4.42 9.65
CA ALA B 147 -10.10 5.53 10.28
C ALA B 147 -10.82 6.87 10.06
N ALA B 148 -11.34 7.05 8.87
CA ALA B 148 -12.05 8.25 8.52
C ALA B 148 -13.45 8.28 9.10
N GLY B 149 -13.87 7.21 9.73
CA GLY B 149 -15.20 7.15 10.33
C GLY B 149 -16.35 7.10 9.35
N LEU B 150 -16.20 6.42 8.23
CA LEU B 150 -17.27 6.32 7.29
C LEU B 150 -18.35 5.35 7.75
N ASP B 151 -19.53 5.47 7.22
CA ASP B 151 -20.63 4.59 7.55
C ASP B 151 -20.47 3.17 7.07
N ALA B 152 -19.96 2.98 5.86
CA ALA B 152 -19.78 1.66 5.29
C ALA B 152 -18.84 1.64 4.13
N VAL B 153 -18.46 0.45 3.73
CA VAL B 153 -17.63 0.25 2.56
C VAL B 153 -18.46 -0.68 1.68
N VAL B 154 -18.79 -0.22 0.49
CA VAL B 154 -19.60 -1.03 -0.41
C VAL B 154 -18.78 -1.57 -1.56
N LEU B 155 -18.85 -2.89 -1.77
CA LEU B 155 -18.09 -3.51 -2.83
C LEU B 155 -18.96 -3.81 -4.04
N GLY B 156 -18.57 -3.24 -5.17
CA GLY B 156 -19.28 -3.42 -6.41
C GLY B 156 -19.03 -4.79 -7.02
N ASP B 157 -19.93 -5.21 -7.90
CA ASP B 157 -19.80 -6.51 -8.57
C ASP B 157 -18.44 -6.60 -9.25
N GLY B 158 -17.73 -7.67 -9.04
CA GLY B 158 -16.45 -7.80 -9.66
C GLY B 158 -15.28 -7.49 -8.77
N THR B 159 -15.54 -6.90 -7.61
CA THR B 159 -14.47 -6.55 -6.69
C THR B 159 -14.01 -7.82 -6.01
N ALA B 160 -12.74 -7.90 -5.62
CA ALA B 160 -12.23 -9.04 -4.93
C ALA B 160 -12.86 -9.28 -3.58
N ASP B 161 -12.85 -10.53 -3.15
CA ASP B 161 -13.44 -10.89 -1.86
C ASP B 161 -12.72 -10.22 -0.71
N ALA B 162 -13.49 -9.57 0.15
CA ALA B 162 -12.97 -8.84 1.28
C ALA B 162 -12.55 -9.74 2.40
N PHE B 163 -13.06 -10.95 2.37
CA PHE B 163 -12.78 -11.91 3.42
C PHE B 163 -11.72 -12.94 3.17
N ASN B 164 -10.86 -12.69 2.21
CA ASN B 164 -9.73 -13.57 2.01
C ASN B 164 -8.70 -13.20 3.03
N GLY B 165 -7.80 -14.14 3.29
CA GLY B 165 -6.75 -13.92 4.26
C GLY B 165 -5.89 -12.69 4.09
N LYS B 166 -5.55 -12.37 2.84
CA LYS B 166 -4.71 -11.23 2.60
C LYS B 166 -5.38 -9.92 2.95
N THR B 167 -6.63 -9.75 2.55
CA THR B 167 -7.37 -8.54 2.86
C THR B 167 -7.60 -8.40 4.36
N LEU B 168 -7.92 -9.50 5.02
CA LEU B 168 -8.16 -9.49 6.45
C LEU B 168 -6.91 -9.05 7.20
N ARG B 169 -5.76 -9.53 6.77
CA ARG B 169 -4.52 -9.17 7.38
C ARG B 169 -4.21 -7.72 7.11
N SER B 170 -4.43 -7.31 5.89
CA SER B 170 -4.14 -5.96 5.45
C SER B 170 -4.94 -4.91 6.18
N ALA B 171 -6.20 -5.21 6.43
CA ALA B 171 -7.11 -4.32 7.12
C ALA B 171 -6.91 -4.17 8.61
N GLN B 172 -6.13 -5.06 9.19
CA GLN B 172 -5.77 -5.01 10.58
C GLN B 172 -6.92 -4.97 11.56
N GLY B 173 -7.98 -5.68 11.29
CA GLY B 173 -9.11 -5.67 12.19
C GLY B 173 -10.21 -4.73 11.87
N SER B 174 -10.06 -3.95 10.83
CA SER B 174 -11.09 -2.99 10.44
C SER B 174 -12.42 -3.56 10.06
N HIS B 175 -12.43 -4.77 9.54
CA HIS B 175 -13.65 -5.46 9.21
C HIS B 175 -14.64 -5.48 10.38
N PHE B 176 -14.17 -5.56 11.62
CA PHE B 176 -15.06 -5.54 12.77
C PHE B 176 -15.39 -4.11 13.24
N HIS B 177 -14.93 -3.09 12.54
CA HIS B 177 -15.22 -1.72 12.92
C HIS B 177 -16.18 -1.03 11.99
N ILE B 178 -16.26 -1.51 10.77
CA ILE B 178 -17.08 -0.85 9.76
C ILE B 178 -17.81 -1.91 8.93
N PRO B 179 -19.03 -1.62 8.51
CA PRO B 179 -19.76 -2.59 7.68
C PRO B 179 -19.17 -2.69 6.28
N VAL B 180 -18.74 -3.87 5.86
CA VAL B 180 -18.20 -4.08 4.54
C VAL B 180 -19.19 -4.96 3.81
N VAL B 181 -19.98 -4.39 2.92
CA VAL B 181 -21.00 -5.14 2.23
C VAL B 181 -20.91 -5.09 0.73
N ARG B 182 -21.74 -5.87 0.06
CA ARG B 182 -21.72 -5.90 -1.38
C ARG B 182 -23.04 -5.42 -1.98
N ARG B 183 -22.93 -4.60 -3.01
CA ARG B 183 -24.06 -4.07 -3.71
C ARG B 183 -23.76 -3.93 -5.18
N ASN B 184 -24.79 -3.79 -5.99
CA ASN B 184 -24.57 -3.56 -7.40
C ASN B 184 -24.42 -2.06 -7.45
N LEU B 185 -23.26 -1.59 -7.86
CA LEU B 185 -22.98 -0.15 -7.86
C LEU B 185 -24.00 0.72 -8.59
N PRO B 186 -24.32 0.39 -9.84
CA PRO B 186 -25.28 1.18 -10.62
C PRO B 186 -26.59 1.36 -9.86
N SER B 187 -27.21 0.26 -9.45
CA SER B 187 -28.45 0.33 -8.68
C SER B 187 -28.26 1.03 -7.34
N TYR B 188 -27.17 0.73 -6.65
CA TYR B 188 -26.91 1.31 -5.34
C TYR B 188 -26.75 2.83 -5.42
N VAL B 189 -26.10 3.30 -6.48
CA VAL B 189 -25.91 4.73 -6.66
C VAL B 189 -27.27 5.42 -6.81
N ASP B 190 -28.16 4.79 -7.58
CA ASP B 190 -29.51 5.32 -7.75
C ASP B 190 -30.16 5.44 -6.38
N GLU B 191 -30.02 4.41 -5.54
CA GLU B 191 -30.60 4.48 -4.23
C GLU B 191 -30.02 5.61 -3.44
N LEU B 192 -28.71 5.79 -3.50
CA LEU B 192 -28.07 6.85 -2.76
C LEU B 192 -28.53 8.20 -3.21
N LYS B 193 -28.65 8.39 -4.50
CA LYS B 193 -29.11 9.67 -5.00
C LYS B 193 -30.51 9.97 -4.50
N ALA B 194 -31.36 8.97 -4.57
CA ALA B 194 -32.74 9.07 -4.12
C ALA B 194 -32.81 9.58 -2.69
N GLU B 195 -31.83 9.22 -1.90
CA GLU B 195 -31.76 9.62 -0.50
C GLU B 195 -31.08 10.94 -0.28
N GLY B 196 -30.68 11.62 -1.34
CA GLY B 196 -30.03 12.89 -1.17
C GLY B 196 -28.53 12.88 -0.93
N VAL B 197 -27.96 11.71 -1.13
CA VAL B 197 -26.55 11.59 -0.88
C VAL B 197 -25.75 11.98 -2.14
N LYS B 198 -24.84 12.93 -2.03
CA LYS B 198 -24.05 13.34 -3.18
C LYS B 198 -23.04 12.28 -3.58
N VAL B 199 -23.00 11.96 -4.86
CA VAL B 199 -22.12 10.93 -5.37
C VAL B 199 -20.93 11.49 -6.16
N TYR B 200 -19.73 11.16 -5.70
CA TYR B 200 -18.50 11.61 -6.32
C TYR B 200 -17.78 10.49 -7.04
N GLY B 201 -17.23 10.80 -8.20
CA GLY B 201 -16.51 9.84 -8.99
C GLY B 201 -15.04 10.23 -9.03
N THR B 202 -14.16 9.28 -8.83
CA THR B 202 -12.75 9.56 -8.86
C THR B 202 -12.33 9.48 -10.31
N ALA B 203 -12.15 10.63 -10.96
CA ALA B 203 -11.77 10.73 -12.37
C ALA B 203 -11.36 12.13 -12.84
N LEU B 204 -10.60 12.15 -13.93
CA LEU B 204 -10.18 13.37 -14.61
C LEU B 204 -11.30 14.02 -15.40
N GLN B 205 -12.07 13.22 -16.14
CA GLN B 205 -13.09 13.78 -17.01
C GLN B 205 -14.11 14.56 -16.21
N ASN B 206 -14.28 15.84 -16.57
CA ASN B 206 -15.16 16.82 -15.92
C ASN B 206 -14.85 16.96 -14.43
N GLY B 207 -13.65 16.58 -14.03
CA GLY B 207 -13.32 16.61 -12.63
C GLY B 207 -12.33 17.65 -12.29
N ALA B 208 -12.39 18.18 -11.09
CA ALA B 208 -11.39 19.14 -10.71
C ALA B 208 -10.44 18.49 -9.75
N PRO B 209 -9.35 19.19 -9.44
CA PRO B 209 -8.44 18.73 -8.41
C PRO B 209 -9.25 18.73 -7.13
N TYR B 210 -9.01 17.75 -6.28
CA TYR B 210 -9.81 17.57 -5.09
C TYR B 210 -9.83 18.81 -4.20
N GLN B 211 -8.77 19.57 -4.22
CA GLN B 211 -8.67 20.78 -3.42
C GLN B 211 -9.79 21.76 -3.82
N GLU B 212 -10.18 21.73 -5.08
CA GLU B 212 -11.24 22.57 -5.63
C GLU B 212 -12.63 22.27 -5.09
N ILE B 213 -12.82 21.04 -4.64
CA ILE B 213 -14.11 20.59 -4.13
C ILE B 213 -14.33 20.84 -2.64
N PRO B 214 -15.47 21.45 -2.31
CA PRO B 214 -15.90 21.75 -0.95
C PRO B 214 -16.52 20.53 -0.30
N GLN B 215 -16.61 20.51 1.02
CA GLN B 215 -17.21 19.39 1.70
C GLN B 215 -18.69 19.41 1.65
N SER B 216 -19.33 18.29 1.84
CA SER B 216 -20.71 18.24 1.86
C SER B 216 -21.07 17.33 3.12
N GLU B 217 -22.30 17.46 3.57
CA GLU B 217 -22.63 16.72 4.77
C GLU B 217 -22.47 15.21 4.59
N SER B 218 -22.98 14.77 3.48
CA SER B 218 -23.06 13.41 3.05
C SER B 218 -22.33 13.22 1.72
N PHE B 219 -21.74 12.05 1.57
CA PHE B 219 -20.99 11.76 0.36
C PHE B 219 -20.78 10.29 0.13
N ALA B 220 -20.67 9.94 -1.14
CA ALA B 220 -20.41 8.60 -1.58
C ALA B 220 -19.31 8.73 -2.63
N LEU B 221 -18.15 8.19 -2.33
CA LEU B 221 -17.03 8.24 -3.24
C LEU B 221 -16.85 6.92 -3.95
N ILE B 222 -16.80 6.98 -5.27
CA ILE B 222 -16.62 5.78 -6.08
C ILE B 222 -15.16 5.72 -6.52
N VAL B 223 -14.49 4.62 -6.20
CA VAL B 223 -13.11 4.43 -6.58
C VAL B 223 -13.03 3.20 -7.47
N GLY B 224 -12.26 3.28 -8.53
CA GLY B 224 -12.11 2.15 -9.42
C GLY B 224 -10.75 1.51 -9.39
N ASN B 225 -10.57 0.46 -10.18
CA ASN B 225 -9.30 -0.24 -10.25
C ASN B 225 -8.32 0.54 -11.09
N GLU B 226 -7.03 0.23 -10.98
CA GLU B 226 -6.04 0.96 -11.74
C GLU B 226 -6.14 0.86 -13.26
N GLY B 227 -6.39 -0.31 -13.78
CA GLY B 227 -6.46 -0.46 -15.21
C GLY B 227 -7.56 0.30 -15.93
N ALA B 228 -8.77 0.27 -15.41
CA ALA B 228 -9.86 0.94 -16.10
C ALA B 228 -10.48 2.11 -15.38
N GLY B 229 -10.17 2.27 -14.10
CA GLY B 229 -10.77 3.34 -13.33
C GLY B 229 -12.23 3.03 -13.04
N VAL B 230 -12.99 4.06 -12.75
CA VAL B 230 -14.39 3.88 -12.50
C VAL B 230 -15.06 3.59 -13.84
N ASP B 231 -15.98 2.64 -13.84
CA ASP B 231 -16.70 2.28 -15.06
C ASP B 231 -17.36 3.51 -15.66
N ALA B 232 -17.32 3.60 -17.00
CA ALA B 232 -17.86 4.76 -17.69
C ALA B 232 -19.34 4.94 -17.42
N ALA B 233 -20.09 3.86 -17.42
CA ALA B 233 -21.51 3.93 -17.17
C ALA B 233 -21.73 4.49 -15.77
N LEU B 234 -20.92 4.01 -14.84
CA LEU B 234 -20.98 4.45 -13.45
C LEU B 234 -20.65 5.94 -13.33
N LEU B 235 -19.65 6.38 -14.08
CA LEU B 235 -19.24 7.79 -14.05
C LEU B 235 -20.33 8.75 -14.49
N GLU B 236 -21.16 8.33 -15.43
CA GLU B 236 -22.26 9.17 -15.90
C GLU B 236 -23.22 9.51 -14.76
N LYS B 237 -23.46 8.56 -13.88
CA LYS B 237 -24.34 8.74 -12.72
C LYS B 237 -23.89 9.75 -11.67
N THR B 238 -22.59 9.95 -11.51
CA THR B 238 -22.10 10.83 -10.47
C THR B 238 -22.47 12.28 -10.60
N ASP B 239 -22.66 12.91 -9.45
CA ASP B 239 -22.94 14.32 -9.38
C ASP B 239 -21.73 15.17 -9.76
N LEU B 240 -20.57 14.78 -9.28
CA LEU B 240 -19.35 15.52 -9.49
C LEU B 240 -18.17 14.57 -9.55
N ASN B 241 -17.10 15.00 -10.19
CA ASN B 241 -15.91 14.18 -10.31
C ASN B 241 -14.72 14.93 -9.76
N LEU B 242 -13.77 14.18 -9.21
CA LEU B 242 -12.57 14.78 -8.66
C LEU B 242 -11.39 13.82 -8.80
N TYR B 243 -10.19 14.38 -8.68
CA TYR B 243 -8.98 13.58 -8.81
C TYR B 243 -7.80 14.15 -8.05
N VAL B 244 -6.77 13.34 -7.90
CA VAL B 244 -5.56 13.72 -7.26
C VAL B 244 -4.59 13.94 -8.39
N PRO B 245 -4.15 15.18 -8.56
CA PRO B 245 -3.26 15.53 -9.67
C PRO B 245 -1.88 14.90 -9.58
N LEU B 246 -1.33 14.61 -10.74
CA LEU B 246 -0.01 14.05 -10.82
C LEU B 246 0.93 15.15 -11.26
N TYR B 247 1.55 15.80 -10.30
CA TYR B 247 2.47 16.87 -10.61
C TYR B 247 3.79 16.35 -11.17
N GLY B 248 4.29 15.26 -10.61
CA GLY B 248 5.55 14.69 -11.04
C GLY B 248 5.45 13.72 -12.18
N GLN B 249 6.49 12.94 -12.39
CA GLN B 249 6.53 11.99 -13.46
C GLN B 249 6.02 10.60 -13.22
N ALA B 250 5.51 10.34 -12.03
CA ALA B 250 4.96 9.05 -11.74
C ALA B 250 3.84 8.67 -12.67
N GLU B 251 3.79 7.43 -13.06
CA GLU B 251 2.76 7.00 -13.94
C GLU B 251 1.38 7.15 -13.31
N SER B 252 1.27 6.78 -12.06
CA SER B 252 0.04 6.88 -11.32
C SER B 252 0.28 6.75 -9.87
N LEU B 253 -0.73 7.10 -9.09
CA LEU B 253 -0.68 6.90 -7.68
C LEU B 253 -1.36 5.59 -7.40
N ASN B 254 -0.98 4.92 -6.32
CA ASN B 254 -1.59 3.65 -5.97
C ASN B 254 -3.08 3.97 -5.65
N VAL B 255 -4.02 3.21 -6.20
CA VAL B 255 -5.44 3.47 -6.02
C VAL B 255 -5.90 3.66 -4.59
N ALA B 256 -5.38 2.87 -3.67
CA ALA B 256 -5.70 3.00 -2.27
C ALA B 256 -5.20 4.32 -1.72
N VAL B 257 -4.00 4.70 -2.10
CA VAL B 257 -3.46 5.92 -1.62
C VAL B 257 -4.29 7.10 -2.13
N ALA B 258 -4.67 7.06 -3.38
CA ALA B 258 -5.48 8.11 -3.93
C ALA B 258 -6.82 8.15 -3.24
N ALA B 259 -7.38 7.00 -3.01
CA ALA B 259 -8.67 6.90 -2.35
C ALA B 259 -8.60 7.52 -0.98
N ALA B 260 -7.52 7.25 -0.27
CA ALA B 260 -7.36 7.78 1.08
C ALA B 260 -7.33 9.31 1.07
N ILE B 261 -6.66 9.88 0.09
CA ILE B 261 -6.57 11.33 -0.02
C ILE B 261 -7.96 11.92 -0.24
N LEU B 262 -8.73 11.32 -1.13
CA LEU B 262 -10.06 11.80 -1.43
C LEU B 262 -11.03 11.59 -0.26
N VAL B 263 -10.92 10.45 0.41
CA VAL B 263 -11.80 10.16 1.54
C VAL B 263 -11.61 11.16 2.67
N TYR B 264 -10.37 11.39 3.04
CA TYR B 264 -10.09 12.34 4.10
C TYR B 264 -10.47 13.76 3.68
N HIS B 265 -10.34 14.06 2.40
CA HIS B 265 -10.70 15.37 1.91
C HIS B 265 -12.19 15.60 2.07
N LEU B 266 -12.98 14.64 1.61
CA LEU B 266 -14.42 14.74 1.73
C LEU B 266 -14.90 14.67 3.16
N ARG B 267 -14.22 13.88 3.98
CA ARG B 267 -14.55 13.73 5.38
C ARG B 267 -14.44 15.04 6.16
N GLY B 268 -13.37 15.77 5.94
CA GLY B 268 -13.13 17.01 6.62
C GLY B 268 -12.45 16.83 7.97
#